data_8K5J
#
_entry.id   8K5J
#
_cell.length_a   68.986
_cell.length_b   96.355
_cell.length_c   62.338
_cell.angle_alpha   90.00
_cell.angle_beta   90.00
_cell.angle_gamma   90.00
#
_symmetry.space_group_name_H-M   'P 21 21 2'
#
loop_
_entity.id
_entity.type
_entity.pdbx_description
1 polymer 'selenoneine synthase SenA'
2 non-polymer 'FE (III) ION'
3 non-polymer N,N,N-trimethyl-histidine
4 non-polymer GLYCEROL
5 water water
#
_entity_poly.entity_id   1
_entity_poly.type   'polypeptide(L)'
_entity_poly.pdbx_seq_one_letter_code
;GAGAGAGAGAGMDSTLPVYSVAGAPEALALRAGPPASVRAALLAARRRTLDLADDFRAALGDAYPGIGYAPELNPPLWEL
GHVAWFQEWWIGRNRQRARGVACEPDHAREPSLLPQADAWYDSGRVAHRTRWALPLPDAEATRDYLERTLAQTLALLDEL
PPDAHDDALYFFRLVALHEAMHAEAAAYMAEGLGIALREGGVAPQLAEDAELELPAQRLRMGSDAGTGFAFDNELLSHDV
SIEPLRIDAQAVSWARFLPFVEAGGYEHPAWWSDAGRDWLARQLLRHPAHLRAAGTGWQQRRGGRWLPLDPQGAAVHLNA
HEAEAWCRWAGRRLPTEAEWECAALTLPGFAWGRVWEWTSSPFEPYPGFAPHPYRDYSAPWFGTRRVLRGACHATSAALA
HARYRNFFEPHRRDIFAGFRSCRAPGG
;
_entity_poly.pdbx_strand_id   A
#
loop_
_chem_comp.id
_chem_comp.type
_chem_comp.name
_chem_comp.formula
AVJ non-polymer N,N,N-trimethyl-histidine 'C9 H16 N3 O2 1'
FE non-polymer 'FE (III) ION' 'Fe 3'
GOL non-polymer GLYCEROL 'C3 H8 O3'
#
# COMPACT_ATOMS: atom_id res chain seq x y z
N TYR A 19 24.30 1.04 -0.81
CA TYR A 19 22.92 0.85 -0.32
C TYR A 19 22.64 -0.62 0.04
N SER A 20 21.91 -0.83 1.15
CA SER A 20 21.37 -2.14 1.55
C SER A 20 20.37 -2.59 0.52
N VAL A 21 20.00 -3.84 0.63
CA VAL A 21 18.85 -4.33 -0.15
C VAL A 21 17.63 -3.48 0.21
N ALA A 22 16.71 -3.33 -0.74
CA ALA A 22 15.51 -2.49 -0.55
C ALA A 22 14.37 -3.23 0.12
N GLY A 23 14.42 -4.54 0.19
CA GLY A 23 13.31 -5.28 0.80
C GLY A 23 13.76 -6.69 1.09
N ALA A 24 12.81 -7.49 1.54
CA ALA A 24 13.04 -8.92 1.81
C ALA A 24 13.33 -9.68 0.56
N PRO A 25 13.83 -10.93 0.66
CA PRO A 25 14.18 -11.66 -0.54
C PRO A 25 13.04 -11.77 -1.55
N GLU A 26 11.82 -11.91 -1.06
CA GLU A 26 10.68 -12.07 -1.97
C GLU A 26 10.45 -10.81 -2.80
N ALA A 27 10.72 -9.66 -2.22
CA ALA A 27 10.51 -8.41 -2.96
C ALA A 27 11.53 -8.25 -4.07
N LEU A 28 12.77 -8.64 -3.82
CA LEU A 28 13.84 -8.60 -4.82
C LEU A 28 13.57 -9.64 -5.90
N ALA A 29 13.12 -10.83 -5.49
CA ALA A 29 12.86 -11.93 -6.43
C ALA A 29 11.70 -11.55 -7.34
N LEU A 30 10.62 -10.97 -6.83
CA LEU A 30 9.51 -10.62 -7.68
C LEU A 30 10.00 -9.62 -8.74
N ARG A 31 10.78 -8.63 -8.29
CA ARG A 31 11.16 -7.60 -9.25
C ARG A 31 12.23 -8.04 -10.24
N ALA A 32 13.12 -8.94 -9.89
CA ALA A 32 14.34 -9.20 -10.69
C ALA A 32 14.48 -10.67 -11.06
N GLY A 33 13.78 -11.57 -10.43
CA GLY A 33 14.04 -12.99 -10.57
C GLY A 33 13.43 -13.59 -11.79
N PRO A 34 13.77 -14.89 -12.03
CA PRO A 34 13.31 -15.59 -13.23
C PRO A 34 11.85 -15.97 -13.15
N PRO A 35 11.31 -16.59 -14.21
CA PRO A 35 9.90 -17.00 -14.20
C PRO A 35 9.56 -17.82 -12.94
N ALA A 36 10.43 -18.70 -12.43
CA ALA A 36 10.08 -19.51 -11.27
C ALA A 36 9.84 -18.64 -10.07
N SER A 37 10.50 -17.53 -9.91
CA SER A 37 10.31 -16.59 -8.80
C SER A 37 8.95 -15.95 -8.93
N VAL A 38 8.59 -15.51 -10.12
CA VAL A 38 7.30 -14.84 -10.28
C VAL A 38 6.19 -15.84 -10.13
N ARG A 39 6.36 -17.08 -10.56
CA ARG A 39 5.39 -18.14 -10.37
C ARG A 39 5.08 -18.32 -8.88
N ALA A 40 6.12 -18.44 -8.08
CA ALA A 40 5.93 -18.63 -6.63
C ALA A 40 5.22 -17.37 -6.08
N ALA A 41 5.54 -16.20 -6.54
CA ALA A 41 4.91 -14.98 -6.05
C ALA A 41 3.42 -14.95 -6.41
N LEU A 42 3.05 -15.39 -7.60
CA LEU A 42 1.64 -15.41 -7.96
C LEU A 42 0.88 -16.41 -7.10
N LEU A 43 1.47 -17.57 -6.83
CA LEU A 43 0.81 -18.54 -5.97
C LEU A 43 0.67 -18.02 -4.58
N ALA A 44 1.70 -17.39 -4.02
CA ALA A 44 1.66 -16.83 -2.65
C ALA A 44 0.62 -15.73 -2.61
N ALA A 45 0.54 -14.89 -3.62
CA ALA A 45 -0.45 -13.82 -3.62
C ALA A 45 -1.85 -14.40 -3.61
N ARG A 46 -2.09 -15.45 -4.39
CA ARG A 46 -3.43 -16.02 -4.44
C ARG A 46 -3.80 -16.70 -3.12
N ARG A 47 -2.84 -17.36 -2.49
CA ARG A 47 -3.13 -17.97 -1.18
C ARG A 47 -3.54 -16.89 -0.18
N ARG A 48 -2.93 -15.74 -0.18
CA ARG A 48 -3.29 -14.66 0.70
C ARG A 48 -4.65 -14.08 0.35
N THR A 49 -4.94 -13.86 -0.92
CA THR A 49 -6.23 -13.40 -1.36
C THR A 49 -7.33 -14.31 -0.86
N LEU A 50 -7.16 -15.62 -1.04
CA LEU A 50 -8.20 -16.56 -0.63
C LEU A 50 -8.30 -16.67 0.88
N ASP A 51 -7.25 -16.56 1.61
CA ASP A 51 -7.29 -16.58 3.08
C ASP A 51 -8.08 -15.38 3.57
N LEU A 52 -7.88 -14.22 2.99
CA LEU A 52 -8.63 -13.05 3.37
C LEU A 52 -10.07 -13.22 2.92
N ALA A 53 -10.33 -13.79 1.78
CA ALA A 53 -11.69 -14.01 1.31
C ALA A 53 -12.42 -14.92 2.31
N ASP A 54 -11.73 -15.89 2.87
CA ASP A 54 -12.34 -16.81 3.84
C ASP A 54 -12.63 -16.08 5.14
N ASP A 55 -11.81 -15.13 5.58
CA ASP A 55 -12.13 -14.27 6.73
C ASP A 55 -13.40 -13.46 6.49
N PHE A 56 -13.56 -12.91 5.32
CA PHE A 56 -14.76 -12.13 5.01
C PHE A 56 -15.93 -13.12 4.93
N ARG A 57 -15.76 -14.30 4.38
CA ARG A 57 -16.84 -15.30 4.30
C ARG A 57 -17.30 -15.66 5.70
N ALA A 58 -16.42 -15.82 6.64
CA ALA A 58 -16.81 -16.16 8.02
C ALA A 58 -17.70 -15.04 8.60
N ALA A 59 -17.47 -13.81 8.32
CA ALA A 59 -18.20 -12.67 8.90
C ALA A 59 -19.48 -12.41 8.13
N LEU A 60 -19.44 -12.45 6.81
CA LEU A 60 -20.53 -11.94 5.96
C LEU A 60 -21.28 -13.05 5.25
N GLY A 61 -20.82 -14.29 5.39
CA GLY A 61 -21.45 -15.42 4.73
C GLY A 61 -21.64 -15.36 3.24
N ASP A 62 -20.78 -14.69 2.54
CA ASP A 62 -20.88 -14.55 1.05
C ASP A 62 -22.14 -13.77 0.63
N ALA A 63 -22.70 -12.97 1.52
CA ALA A 63 -23.70 -11.97 1.12
C ALA A 63 -23.09 -10.95 0.14
N TYR A 64 -23.79 -10.64 -0.91
CA TYR A 64 -23.45 -9.53 -1.83
C TYR A 64 -24.56 -8.53 -1.80
N PRO A 65 -24.25 -7.24 -1.57
CA PRO A 65 -22.91 -6.71 -1.48
C PRO A 65 -22.17 -6.98 -0.19
N GLY A 66 -22.90 -7.22 0.91
CA GLY A 66 -22.37 -7.66 2.20
C GLY A 66 -21.98 -6.55 3.14
N ILE A 67 -21.83 -5.34 2.62
CA ILE A 67 -21.37 -4.17 3.37
C ILE A 67 -22.16 -2.95 2.93
N GLY A 68 -22.20 -1.97 3.79
CA GLY A 68 -22.76 -0.68 3.42
C GLY A 68 -21.82 0.10 2.51
N TYR A 69 -22.32 1.16 1.93
CA TYR A 69 -21.56 2.01 1.01
C TYR A 69 -20.67 2.96 1.77
N ALA A 70 -19.42 3.11 1.32
CA ALA A 70 -18.57 4.26 1.70
C ALA A 70 -17.52 4.41 0.60
N PRO A 71 -17.03 5.65 0.35
CA PRO A 71 -16.05 5.82 -0.73
C PRO A 71 -14.75 5.00 -0.56
N GLU A 72 -14.40 4.68 0.68
CA GLU A 72 -13.16 3.95 1.03
C GLU A 72 -13.33 2.44 1.01
N LEU A 73 -14.50 1.95 0.60
CA LEU A 73 -14.77 0.50 0.57
C LEU A 73 -14.98 0.05 -0.86
N ASN A 74 -14.95 -1.27 -1.09
CA ASN A 74 -15.58 -1.91 -2.25
C ASN A 74 -16.17 -3.19 -1.72
N PRO A 75 -17.25 -3.72 -2.32
CA PRO A 75 -17.77 -5.01 -1.86
C PRO A 75 -16.72 -6.10 -1.98
N PRO A 76 -16.57 -6.99 -0.97
CA PRO A 76 -15.57 -8.07 -1.03
C PRO A 76 -15.66 -8.94 -2.27
N LEU A 77 -16.82 -9.28 -2.77
CA LEU A 77 -16.89 -10.14 -3.95
C LEU A 77 -16.51 -9.36 -5.21
N TRP A 78 -16.76 -8.04 -5.21
CA TRP A 78 -16.30 -7.20 -6.31
C TRP A 78 -14.76 -7.20 -6.36
N GLU A 79 -14.12 -7.02 -5.21
CA GLU A 79 -12.66 -7.01 -5.13
C GLU A 79 -12.09 -8.30 -5.73
N LEU A 80 -12.65 -9.43 -5.38
CA LEU A 80 -12.16 -10.70 -5.91
C LEU A 80 -12.25 -10.73 -7.41
N GLY A 81 -13.39 -10.35 -7.95
CA GLY A 81 -13.53 -10.30 -9.40
C GLY A 81 -12.59 -9.32 -10.07
N HIS A 82 -12.37 -8.20 -9.43
CA HIS A 82 -11.41 -7.23 -9.97
C HIS A 82 -10.02 -7.81 -10.03
N VAL A 83 -9.60 -8.53 -9.00
CA VAL A 83 -8.24 -9.12 -9.02
C VAL A 83 -8.12 -10.08 -10.21
N ALA A 84 -9.10 -10.94 -10.42
CA ALA A 84 -9.10 -11.87 -11.56
C ALA A 84 -9.12 -11.11 -12.89
N TRP A 85 -10.00 -10.13 -12.99
CA TRP A 85 -10.12 -9.36 -14.21
C TRP A 85 -8.82 -8.70 -14.58
N PHE A 86 -8.16 -8.07 -13.60
CA PHE A 86 -6.91 -7.36 -13.86
C PHE A 86 -5.84 -8.32 -14.36
N GLN A 87 -5.76 -9.46 -13.73
CA GLN A 87 -4.74 -10.45 -14.14
C GLN A 87 -5.05 -10.92 -15.59
N GLU A 88 -6.30 -11.22 -15.88
CA GLU A 88 -6.70 -11.69 -17.22
C GLU A 88 -6.51 -10.58 -18.25
N TRP A 89 -6.75 -9.35 -17.91
CA TRP A 89 -6.62 -8.23 -18.83
C TRP A 89 -5.20 -8.06 -19.26
N TRP A 90 -4.25 -8.13 -18.29
CA TRP A 90 -2.85 -7.86 -18.56
C TRP A 90 -2.05 -9.12 -18.90
N ILE A 91 -2.60 -10.31 -18.72
CA ILE A 91 -1.88 -11.56 -19.06
C ILE A 91 -2.61 -12.26 -20.23
N GLY A 92 -3.62 -13.03 -19.99
CA GLY A 92 -4.17 -13.88 -21.04
C GLY A 92 -4.69 -13.07 -22.19
N ARG A 93 -5.37 -11.97 -21.98
CA ARG A 93 -6.00 -11.21 -23.07
C ARG A 93 -5.03 -10.24 -23.72
N ASN A 94 -3.87 -9.99 -23.13
CA ASN A 94 -2.90 -9.03 -23.62
C ASN A 94 -2.12 -9.64 -24.75
N ARG A 95 -2.25 -9.04 -25.93
CA ARG A 95 -1.55 -9.54 -27.14
C ARG A 95 -0.15 -9.01 -27.26
N GLN A 96 0.30 -8.16 -26.36
CA GLN A 96 1.60 -7.45 -26.38
C GLN A 96 2.38 -7.67 -25.09
N ARG A 97 2.22 -8.81 -24.43
CA ARG A 97 2.92 -9.05 -23.17
C ARG A 97 4.40 -8.86 -23.30
N ALA A 98 4.99 -9.40 -24.36
CA ALA A 98 6.45 -9.42 -24.53
C ALA A 98 7.02 -8.04 -24.68
N ARG A 99 6.18 -7.06 -24.90
CA ARG A 99 6.67 -5.69 -25.09
C ARG A 99 6.92 -4.98 -23.75
N GLY A 100 6.41 -5.56 -22.63
CA GLY A 100 6.62 -4.91 -21.34
C GLY A 100 6.05 -3.50 -21.32
N VAL A 101 6.87 -2.59 -20.82
CA VAL A 101 6.42 -1.18 -20.69
C VAL A 101 6.13 -0.52 -22.03
N ALA A 102 6.52 -1.12 -23.17
CA ALA A 102 6.21 -0.56 -24.51
C ALA A 102 4.87 -1.06 -25.04
N CYS A 103 4.16 -1.89 -24.29
CA CYS A 103 2.82 -2.37 -24.67
C CYS A 103 1.84 -1.21 -24.90
N GLU A 104 1.11 -1.21 -26.01
CA GLU A 104 0.01 -0.27 -26.28
C GLU A 104 -1.14 -0.63 -25.35
N PRO A 105 -1.52 0.23 -24.44
CA PRO A 105 -2.46 -0.23 -23.44
C PRO A 105 -3.87 -0.56 -23.93
N ASP A 106 -4.29 0.04 -25.02
CA ASP A 106 -5.68 -0.04 -25.53
C ASP A 106 -5.74 -0.88 -26.81
N HIS A 107 -4.77 -1.74 -27.06
CA HIS A 107 -4.84 -2.63 -28.26
C HIS A 107 -6.02 -3.58 -28.15
N ALA A 108 -6.42 -4.15 -29.27
CA ALA A 108 -7.56 -5.06 -29.33
C ALA A 108 -7.28 -6.37 -28.60
N ARG A 109 -8.16 -6.73 -27.67
CA ARG A 109 -8.10 -7.94 -26.82
C ARG A 109 -9.21 -8.91 -27.26
N GLU A 110 -8.95 -10.17 -27.05
CA GLU A 110 -9.99 -11.23 -27.19
C GLU A 110 -10.79 -11.21 -25.90
N PRO A 111 -11.97 -11.88 -25.93
CA PRO A 111 -12.90 -11.77 -24.84
C PRO A 111 -12.32 -12.29 -23.52
N SER A 112 -13.00 -11.86 -22.47
CA SER A 112 -12.92 -12.45 -21.15
C SER A 112 -13.61 -13.80 -21.10
N LEU A 113 -13.26 -14.62 -20.14
CA LEU A 113 -14.18 -15.73 -19.75
C LEU A 113 -15.60 -15.30 -19.42
N LEU A 114 -15.77 -14.13 -18.85
CA LEU A 114 -17.11 -13.64 -18.44
C LEU A 114 -17.53 -12.56 -19.40
N PRO A 115 -18.69 -12.71 -20.09
CA PRO A 115 -19.05 -11.69 -21.09
C PRO A 115 -19.13 -10.26 -20.56
N GLN A 116 -19.50 -10.11 -19.30
CA GLN A 116 -19.67 -8.80 -18.67
C GLN A 116 -18.51 -8.37 -17.81
N ALA A 117 -17.42 -9.11 -17.80
CA ALA A 117 -16.30 -8.74 -16.89
C ALA A 117 -15.83 -7.34 -17.10
N ASP A 118 -15.74 -6.85 -18.34
CA ASP A 118 -15.22 -5.51 -18.60
C ASP A 118 -16.21 -4.46 -18.13
N ALA A 119 -17.47 -4.74 -18.06
CA ALA A 119 -18.47 -3.76 -17.52
C ALA A 119 -18.51 -3.83 -16.02
N TRP A 120 -18.12 -4.96 -15.40
CA TRP A 120 -18.29 -5.16 -13.95
C TRP A 120 -17.02 -4.82 -13.17
N TYR A 121 -15.82 -5.14 -13.69
CA TYR A 121 -14.63 -5.25 -12.83
C TYR A 121 -13.49 -4.30 -13.20
N ASP A 122 -13.61 -3.58 -14.29
CA ASP A 122 -12.56 -2.63 -14.66
C ASP A 122 -12.71 -1.41 -13.77
N SER A 123 -11.79 -1.14 -12.85
CA SER A 123 -11.83 -0.03 -11.89
C SER A 123 -11.80 1.30 -12.58
N GLY A 124 -11.31 1.35 -13.83
CA GLY A 124 -11.34 2.62 -14.58
C GLY A 124 -12.62 2.89 -15.32
N ARG A 125 -13.51 1.90 -15.35
CA ARG A 125 -14.74 2.05 -16.14
C ARG A 125 -15.93 2.07 -15.21
N VAL A 126 -16.01 1.15 -14.23
CA VAL A 126 -17.21 0.98 -13.41
C VAL A 126 -17.19 2.06 -12.33
N ALA A 127 -18.32 2.77 -12.26
CA ALA A 127 -18.53 3.84 -11.32
C ALA A 127 -18.56 3.25 -9.91
N HIS A 128 -18.17 3.98 -8.89
CA HIS A 128 -17.91 3.45 -7.56
C HIS A 128 -19.17 2.92 -6.92
N ARG A 129 -20.22 3.75 -6.84
CA ARG A 129 -21.47 3.36 -6.16
C ARG A 129 -22.12 2.20 -6.90
N THR A 130 -21.97 2.10 -8.20
CA THR A 130 -22.52 1.05 -9.04
C THR A 130 -22.06 -0.32 -8.55
N ARG A 131 -20.88 -0.41 -7.96
CA ARG A 131 -20.32 -1.71 -7.64
C ARG A 131 -21.15 -2.49 -6.63
N TRP A 132 -22.02 -1.80 -5.90
CA TRP A 132 -22.92 -2.40 -4.92
C TRP A 132 -24.16 -2.99 -5.60
N ALA A 133 -24.45 -2.64 -6.83
CA ALA A 133 -25.73 -2.95 -7.52
C ALA A 133 -25.53 -3.74 -8.79
N LEU A 134 -24.45 -4.46 -8.95
CA LEU A 134 -24.19 -5.22 -10.18
C LEU A 134 -24.68 -6.65 -10.01
N PRO A 135 -25.05 -7.31 -11.11
CA PRO A 135 -25.53 -8.71 -11.05
C PRO A 135 -24.34 -9.69 -11.09
N LEU A 136 -23.51 -9.60 -10.05
CA LEU A 136 -22.23 -10.34 -10.05
C LEU A 136 -22.47 -11.82 -9.89
N PRO A 137 -21.54 -12.65 -10.35
CA PRO A 137 -21.56 -14.06 -10.01
C PRO A 137 -21.51 -14.24 -8.49
N ASP A 138 -22.01 -15.37 -8.01
CA ASP A 138 -21.94 -15.70 -6.57
C ASP A 138 -20.51 -15.98 -6.15
N ALA A 139 -20.28 -16.18 -4.87
CA ALA A 139 -18.91 -16.37 -4.37
C ALA A 139 -18.23 -17.56 -5.03
N GLU A 140 -18.96 -18.67 -5.19
CA GLU A 140 -18.32 -19.85 -5.77
C GLU A 140 -17.94 -19.56 -7.23
N ALA A 141 -18.80 -18.95 -7.99
CA ALA A 141 -18.52 -18.64 -9.39
C ALA A 141 -17.41 -17.60 -9.51
N THR A 142 -17.30 -16.71 -8.56
CA THR A 142 -16.19 -15.72 -8.50
C THR A 142 -14.90 -16.46 -8.25
N ARG A 143 -14.88 -17.36 -7.29
CA ARG A 143 -13.68 -18.15 -7.01
C ARG A 143 -13.33 -19.02 -8.21
N ASP A 144 -14.28 -19.49 -9.01
CA ASP A 144 -13.98 -20.25 -10.21
C ASP A 144 -13.32 -19.38 -11.28
N TYR A 145 -13.77 -18.15 -11.40
CA TYR A 145 -13.15 -17.17 -12.31
C TYR A 145 -11.70 -16.92 -11.92
N LEU A 146 -11.45 -16.71 -10.63
CA LEU A 146 -10.08 -16.59 -10.11
C LEU A 146 -9.24 -17.81 -10.48
N GLU A 147 -9.77 -18.98 -10.26
CA GLU A 147 -8.97 -20.20 -10.50
C GLU A 147 -8.65 -20.36 -11.99
N ARG A 148 -9.64 -20.13 -12.84
CA ARG A 148 -9.45 -20.34 -14.29
C ARG A 148 -8.50 -19.31 -14.88
N THR A 149 -8.58 -18.08 -14.43
CA THR A 149 -7.65 -17.07 -14.93
C THR A 149 -6.25 -17.33 -14.42
N LEU A 150 -6.09 -17.78 -13.17
CA LEU A 150 -4.72 -18.07 -12.66
C LEU A 150 -4.16 -19.25 -13.43
N ALA A 151 -4.95 -20.29 -13.74
CA ALA A 151 -4.40 -21.43 -14.50
C ALA A 151 -3.91 -20.96 -15.88
N GLN A 152 -4.65 -20.06 -16.51
CA GLN A 152 -4.23 -19.49 -17.80
C GLN A 152 -2.91 -18.75 -17.64
N THR A 153 -2.84 -17.86 -16.64
CA THR A 153 -1.63 -17.07 -16.36
C THR A 153 -0.42 -17.98 -16.20
N LEU A 154 -0.55 -19.00 -15.35
CA LEU A 154 0.60 -19.85 -15.04
C LEU A 154 1.01 -20.68 -16.27
N ALA A 155 0.08 -21.09 -17.10
CA ALA A 155 0.42 -21.81 -18.36
C ALA A 155 1.23 -20.90 -19.23
N LEU A 156 0.87 -19.63 -19.33
CA LEU A 156 1.63 -18.70 -20.15
C LEU A 156 2.99 -18.43 -19.56
N LEU A 157 3.09 -18.28 -18.26
CA LEU A 157 4.36 -18.01 -17.56
C LEU A 157 5.31 -19.20 -17.78
N ASP A 158 4.78 -20.38 -17.73
CA ASP A 158 5.59 -21.62 -17.87
C ASP A 158 6.19 -21.75 -19.28
N GLU A 159 5.75 -21.00 -20.26
CA GLU A 159 6.40 -20.95 -21.61
C GLU A 159 7.68 -20.14 -21.59
N LEU A 160 7.93 -19.31 -20.60
CA LEU A 160 9.05 -18.37 -20.67
C LEU A 160 10.30 -19.09 -20.20
N PRO A 161 11.46 -18.78 -20.81
CA PRO A 161 12.71 -19.43 -20.44
C PRO A 161 13.33 -18.81 -19.23
N PRO A 162 14.33 -19.50 -18.65
CA PRO A 162 14.89 -19.03 -17.40
C PRO A 162 15.54 -17.65 -17.51
N ASP A 163 16.07 -17.34 -18.68
CA ASP A 163 16.75 -16.03 -18.88
C ASP A 163 15.77 -15.01 -19.49
N ALA A 164 14.48 -15.15 -19.30
CA ALA A 164 13.46 -14.20 -19.81
C ALA A 164 13.84 -12.79 -19.37
N HIS A 165 13.75 -11.90 -20.33
CA HIS A 165 14.03 -10.46 -20.14
C HIS A 165 12.99 -9.81 -19.24
N ASP A 166 13.36 -8.68 -18.67
CA ASP A 166 12.39 -7.85 -17.90
C ASP A 166 11.13 -7.57 -18.69
N ASP A 167 11.23 -7.26 -19.98
CA ASP A 167 10.05 -6.96 -20.76
C ASP A 167 9.10 -8.15 -20.86
N ALA A 168 9.64 -9.34 -20.95
CA ALA A 168 8.91 -10.57 -21.05
C ALA A 168 8.18 -10.88 -19.71
N LEU A 169 8.78 -10.51 -18.59
CA LEU A 169 8.22 -10.82 -17.28
C LEU A 169 7.38 -9.65 -16.76
N TYR A 170 7.39 -8.53 -17.36
CA TYR A 170 6.82 -7.27 -16.82
C TYR A 170 5.39 -7.50 -16.33
N PHE A 171 4.51 -7.99 -17.17
CA PHE A 171 3.10 -8.03 -16.79
C PHE A 171 2.83 -9.05 -15.70
N PHE A 172 3.59 -10.15 -15.69
CA PHE A 172 3.48 -11.15 -14.62
C PHE A 172 3.82 -10.52 -13.30
N ARG A 173 4.88 -9.74 -13.24
CA ARG A 173 5.29 -9.02 -12.03
C ARG A 173 4.20 -8.00 -11.65
N LEU A 174 3.73 -7.23 -12.61
CA LEU A 174 2.71 -6.20 -12.36
C LEU A 174 1.48 -6.82 -11.72
N VAL A 175 0.97 -7.90 -12.28
CA VAL A 175 -0.27 -8.45 -11.75
C VAL A 175 -0.05 -9.10 -10.37
N ALA A 176 1.09 -9.65 -10.10
CA ALA A 176 1.37 -10.16 -8.74
C ALA A 176 1.33 -9.01 -7.75
N LEU A 177 1.97 -7.89 -8.08
CA LEU A 177 2.02 -6.76 -7.19
C LEU A 177 0.64 -6.14 -7.03
N HIS A 178 -0.15 -6.08 -8.09
CA HIS A 178 -1.53 -5.55 -8.01
C HIS A 178 -2.34 -6.37 -7.01
N GLU A 179 -2.26 -7.67 -7.09
CA GLU A 179 -3.00 -8.54 -6.19
C GLU A 179 -2.53 -8.32 -4.74
N ALA A 180 -1.26 -8.17 -4.52
CA ALA A 180 -0.76 -7.86 -3.17
C ALA A 180 -1.39 -6.56 -2.65
N MET A 181 -1.49 -5.55 -3.46
CA MET A 181 -2.10 -4.29 -3.01
C MET A 181 -3.54 -4.50 -2.62
N HIS A 182 -4.30 -5.23 -3.39
CA HIS A 182 -5.70 -5.47 -3.01
C HIS A 182 -5.80 -6.37 -1.79
N ALA A 183 -4.86 -7.22 -1.49
CA ALA A 183 -4.92 -8.02 -0.23
C ALA A 183 -4.73 -7.08 0.95
N GLU A 184 -3.79 -6.15 0.88
CA GLU A 184 -3.67 -5.18 1.97
C GLU A 184 -4.96 -4.37 2.08
N ALA A 185 -5.59 -3.97 1.00
CA ALA A 185 -6.85 -3.23 1.09
C ALA A 185 -7.93 -4.09 1.78
N ALA A 186 -7.98 -5.37 1.51
CA ALA A 186 -8.92 -6.22 2.21
C ALA A 186 -8.66 -6.12 3.69
N ALA A 187 -7.43 -6.15 4.12
CA ALA A 187 -7.10 -6.04 5.52
C ALA A 187 -7.50 -4.71 6.12
N TYR A 188 -7.27 -3.57 5.51
CA TYR A 188 -7.64 -2.34 6.18
C TYR A 188 -9.15 -2.14 6.05
N MET A 189 -9.78 -2.60 5.00
CA MET A 189 -11.26 -2.53 4.95
C MET A 189 -11.84 -3.39 6.08
N ALA A 190 -11.33 -4.59 6.28
CA ALA A 190 -11.80 -5.48 7.33
C ALA A 190 -11.73 -4.76 8.66
N GLU A 191 -10.65 -4.10 8.96
CA GLU A 191 -10.48 -3.44 10.25
C GLU A 191 -11.54 -2.39 10.39
N GLY A 192 -11.86 -1.63 9.34
CA GLY A 192 -12.90 -0.60 9.39
C GLY A 192 -14.23 -1.20 9.64
N LEU A 193 -14.43 -2.43 9.14
CA LEU A 193 -15.79 -3.06 9.17
C LEU A 193 -15.96 -3.96 10.39
N GLY A 194 -14.88 -4.05 11.17
CA GLY A 194 -14.85 -4.85 12.42
C GLY A 194 -14.81 -6.33 12.14
N ILE A 195 -14.18 -6.74 11.06
CA ILE A 195 -14.09 -8.14 10.57
C ILE A 195 -12.72 -8.63 11.04
N ALA A 196 -12.67 -9.70 11.79
CA ALA A 196 -11.42 -10.28 12.30
C ALA A 196 -10.78 -11.16 11.25
N LEU A 197 -9.48 -11.03 11.19
CA LEU A 197 -8.65 -11.83 10.27
C LEU A 197 -7.83 -12.85 11.04
N ARG A 198 -7.47 -13.97 10.43
CA ARG A 198 -6.51 -14.89 11.05
C ARG A 198 -5.12 -14.28 11.07
N GLU A 199 -4.71 -13.62 9.98
CA GLU A 199 -3.35 -12.98 9.85
C GLU A 199 -3.26 -11.77 10.81
N GLY A 200 -2.09 -11.38 11.29
CA GLY A 200 -1.95 -10.12 12.08
C GLY A 200 -0.57 -9.89 12.62
N GLY A 201 -0.19 -8.61 12.82
CA GLY A 201 1.11 -8.16 13.33
C GLY A 201 1.20 -8.23 14.84
N VAL A 202 2.42 -8.21 15.32
CA VAL A 202 2.72 -8.42 16.76
C VAL A 202 3.47 -7.14 17.17
N ALA A 203 2.98 -6.42 18.20
CA ALA A 203 3.69 -5.31 18.84
C ALA A 203 4.97 -5.85 19.45
N PRO A 204 6.03 -5.04 19.54
CA PRO A 204 7.19 -5.44 20.31
C PRO A 204 6.85 -5.42 21.80
N GLN A 205 7.59 -6.18 22.56
CA GLN A 205 7.45 -6.13 24.04
C GLN A 205 7.84 -4.74 24.53
N LEU A 206 8.84 -4.11 23.90
CA LEU A 206 9.35 -2.76 24.23
C LEU A 206 9.59 -2.00 22.92
N ALA A 207 8.91 -0.88 22.74
CA ALA A 207 9.09 -0.05 21.52
C ALA A 207 10.47 0.61 21.64
N GLU A 208 11.17 0.82 20.50
CA GLU A 208 12.44 1.57 20.48
C GLU A 208 12.19 3.05 20.21
N ASP A 209 12.84 3.87 21.05
CA ASP A 209 12.66 5.34 21.04
C ASP A 209 13.91 6.00 20.41
N ALA A 210 14.93 5.22 20.01
CA ALA A 210 16.24 5.73 19.62
C ALA A 210 16.14 6.65 18.41
N GLU A 211 17.15 7.50 18.31
CA GLU A 211 17.41 8.42 17.19
C GLU A 211 18.73 8.05 16.49
N LEU A 212 18.81 8.21 15.16
CA LEU A 212 19.97 7.89 14.35
C LEU A 212 20.45 9.13 13.62
N GLU A 213 21.73 9.19 13.42
CA GLU A 213 22.37 10.24 12.60
C GLU A 213 22.36 9.85 11.12
N LEU A 214 21.91 10.77 10.29
CA LEU A 214 21.96 10.64 8.82
C LEU A 214 22.90 11.75 8.32
N PRO A 215 24.11 11.43 7.89
CA PRO A 215 25.02 12.47 7.44
C PRO A 215 24.59 13.07 6.11
N ALA A 216 25.11 14.23 5.78
CA ALA A 216 24.97 14.83 4.44
C ALA A 216 25.53 13.88 3.40
N GLN A 217 24.79 13.74 2.29
CA GLN A 217 25.17 12.79 1.23
C GLN A 217 24.32 13.05 0.00
N ARG A 218 24.76 12.44 -1.07
CA ARG A 218 23.99 12.39 -2.33
C ARG A 218 23.24 11.06 -2.33
N LEU A 219 21.94 11.13 -2.61
CA LEU A 219 21.11 9.93 -2.81
C LEU A 219 20.76 9.73 -4.26
N ARG A 220 21.02 8.57 -4.81
CA ARG A 220 20.45 8.25 -6.15
C ARG A 220 19.04 7.69 -5.87
N MET A 221 18.04 8.53 -6.00
CA MET A 221 16.65 8.23 -5.60
C MET A 221 15.92 7.49 -6.71
N GLY A 222 15.02 6.62 -6.34
CA GLY A 222 14.20 5.90 -7.31
C GLY A 222 14.80 4.60 -7.79
N SER A 223 14.26 4.05 -8.85
CA SER A 223 14.64 2.74 -9.37
C SER A 223 15.52 2.91 -10.64
N ASP A 224 16.67 2.29 -10.70
CA ASP A 224 17.66 2.42 -11.80
C ASP A 224 17.13 1.54 -13.00
N ALA A 225 17.43 2.12 -14.23
CA ALA A 225 17.38 1.26 -15.44
C ALA A 225 17.99 -0.10 -15.08
N GLY A 226 17.29 -1.21 -15.39
CA GLY A 226 17.69 -2.61 -15.08
C GLY A 226 18.13 -2.82 -13.63
N THR A 227 17.17 -2.90 -12.69
CA THR A 227 17.25 -3.53 -11.34
C THR A 227 15.96 -4.35 -11.28
N GLY A 228 15.48 -4.60 -12.50
CA GLY A 228 14.21 -5.27 -12.73
C GLY A 228 13.03 -4.34 -12.79
N PHE A 229 11.91 -4.83 -12.35
CA PHE A 229 10.63 -4.14 -12.42
C PHE A 229 10.70 -2.90 -11.54
N ALA A 230 10.19 -1.80 -12.11
CA ALA A 230 9.95 -0.53 -11.43
C ALA A 230 8.48 -0.13 -11.62
N PHE A 231 7.88 0.45 -10.62
CA PHE A 231 6.64 1.20 -10.87
C PHE A 231 6.97 2.49 -11.62
N ASP A 232 6.03 2.98 -12.40
CA ASP A 232 6.32 4.15 -13.20
C ASP A 232 6.71 5.32 -12.33
N ASN A 233 6.11 5.47 -11.16
CA ASN A 233 6.36 6.60 -10.26
C ASN A 233 7.73 6.56 -9.60
N GLU A 234 8.49 5.50 -9.79
CA GLU A 234 9.86 5.39 -9.28
C GLU A 234 10.93 5.90 -10.26
N LEU A 235 10.48 6.36 -11.43
CA LEU A 235 11.35 6.73 -12.55
C LEU A 235 11.17 8.21 -12.86
N LEU A 236 12.22 8.87 -13.36
CA LEU A 236 13.59 8.35 -13.47
C LEU A 236 14.31 8.37 -12.14
N SER A 237 15.23 7.43 -12.01
CA SER A 237 16.25 7.51 -10.96
C SER A 237 17.00 8.81 -11.10
N HIS A 238 17.33 9.49 -10.04
CA HIS A 238 17.95 10.80 -10.10
C HIS A 238 18.64 11.14 -8.80
N ASP A 239 19.80 11.75 -8.92
CA ASP A 239 20.53 12.19 -7.76
C ASP A 239 19.84 13.35 -7.10
N VAL A 240 19.83 13.31 -5.76
CA VAL A 240 19.31 14.39 -4.89
C VAL A 240 20.28 14.63 -3.74
N SER A 241 20.27 15.81 -3.16
CA SER A 241 21.09 16.11 -1.99
C SER A 241 20.31 15.89 -0.69
N ILE A 242 20.91 15.20 0.25
CA ILE A 242 20.37 14.96 1.60
C ILE A 242 21.16 15.81 2.58
N GLU A 243 20.43 16.60 3.34
CA GLU A 243 21.07 17.45 4.39
C GLU A 243 21.17 16.66 5.69
N PRO A 244 22.16 16.94 6.54
CA PRO A 244 22.31 16.16 7.75
C PRO A 244 21.05 16.25 8.59
N LEU A 245 20.76 15.13 9.27
CA LEU A 245 19.57 15.15 10.12
C LEU A 245 19.72 14.03 11.17
N ARG A 246 18.82 14.10 12.13
CA ARG A 246 18.66 13.00 13.11
C ARG A 246 17.26 12.46 12.90
N ILE A 247 17.15 11.15 12.81
CA ILE A 247 15.84 10.55 12.44
C ILE A 247 15.50 9.43 13.41
N ASP A 248 14.23 9.30 13.76
CA ASP A 248 13.77 8.19 14.62
C ASP A 248 14.16 6.86 14.00
N ALA A 249 14.62 5.92 14.79
CA ALA A 249 15.01 4.59 14.38
C ALA A 249 13.79 3.76 14.04
N GLN A 250 12.64 4.06 14.61
CA GLN A 250 11.39 3.32 14.39
C GLN A 250 10.24 4.28 14.30
N ALA A 251 9.11 3.83 13.79
CA ALA A 251 7.88 4.62 13.78
C ALA A 251 7.51 5.04 15.18
N VAL A 252 6.85 6.17 15.33
CA VAL A 252 6.36 6.66 16.65
C VAL A 252 5.37 5.64 17.21
N SER A 253 5.63 5.25 18.47
CA SER A 253 4.82 4.32 19.25
C SER A 253 3.61 5.06 19.81
N TRP A 254 2.60 4.31 20.26
CA TRP A 254 1.50 4.96 21.02
C TRP A 254 2.06 5.61 22.31
N ALA A 255 3.03 5.01 22.97
CA ALA A 255 3.61 5.62 24.20
C ALA A 255 4.15 7.00 23.87
N ARG A 256 4.82 7.16 22.71
CA ARG A 256 5.40 8.44 22.31
C ARG A 256 4.30 9.38 21.79
N PHE A 257 3.28 8.87 21.16
CA PHE A 257 2.18 9.70 20.58
C PHE A 257 1.30 10.27 21.63
N LEU A 258 0.83 9.43 22.54
CA LEU A 258 -0.28 9.79 23.43
C LEU A 258 0.02 11.00 24.34
N PRO A 259 1.26 11.32 24.73
CA PRO A 259 1.48 12.56 25.52
C PRO A 259 1.04 13.84 24.78
N PHE A 260 0.93 13.81 23.46
CA PHE A 260 0.38 14.93 22.67
C PHE A 260 -1.10 15.07 22.92
N VAL A 261 -1.78 13.97 22.98
CA VAL A 261 -3.23 13.94 23.26
C VAL A 261 -3.43 14.43 24.71
N GLU A 262 -2.63 13.95 25.67
CA GLU A 262 -2.73 14.34 27.08
C GLU A 262 -2.46 15.83 27.25
N ALA A 263 -1.51 16.39 26.51
CA ALA A 263 -1.16 17.83 26.53
C ALA A 263 -2.23 18.68 25.84
N GLY A 264 -3.37 18.15 25.44
CA GLY A 264 -4.42 18.94 24.77
C GLY A 264 -4.20 19.15 23.27
N GLY A 265 -3.35 18.38 22.61
CA GLY A 265 -2.99 18.68 21.22
C GLY A 265 -4.20 18.68 20.31
N TYR A 266 -5.25 17.89 20.53
CA TYR A 266 -6.48 17.91 19.68
C TYR A 266 -7.42 19.04 20.08
N GLU A 267 -7.02 19.90 21.03
CA GLU A 267 -7.77 21.13 21.41
C GLU A 267 -6.89 22.39 21.23
N HIS A 268 -5.68 22.28 20.67
CA HIS A 268 -4.73 23.39 20.44
C HIS A 268 -4.56 23.57 18.92
N PRO A 269 -5.51 24.27 18.23
CA PRO A 269 -5.40 24.45 16.76
C PRO A 269 -4.02 24.97 16.32
N ALA A 270 -3.26 25.65 17.18
CA ALA A 270 -1.99 26.24 16.77
C ALA A 270 -0.99 25.13 16.34
N TRP A 271 -1.13 23.85 16.78
CA TRP A 271 -0.16 22.82 16.29
C TRP A 271 -0.44 22.36 14.87
N TRP A 272 -1.58 22.69 14.32
CA TRP A 272 -2.16 22.13 13.09
C TRP A 272 -1.97 23.10 11.91
N SER A 273 -1.85 22.56 10.73
CA SER A 273 -1.85 23.34 9.47
C SER A 273 -3.24 23.90 9.25
N ASP A 274 -3.44 24.78 8.21
CA ASP A 274 -4.85 25.20 7.88
C ASP A 274 -5.73 24.02 7.50
N ALA A 275 -5.21 23.07 6.69
CA ALA A 275 -6.02 21.92 6.26
C ALA A 275 -6.26 21.04 7.48
N GLY A 276 -5.22 20.95 8.35
CA GLY A 276 -5.37 20.15 9.56
C GLY A 276 -6.46 20.72 10.49
N ARG A 277 -6.51 22.04 10.60
CA ARG A 277 -7.52 22.73 11.43
C ARG A 277 -8.93 22.51 10.89
N ASP A 278 -9.09 22.63 9.56
CA ASP A 278 -10.38 22.37 8.91
C ASP A 278 -10.81 20.93 9.12
N TRP A 279 -9.87 19.99 9.02
CA TRP A 279 -10.16 18.59 9.34
C TRP A 279 -10.54 18.48 10.84
N LEU A 280 -9.72 19.04 11.74
CA LEU A 280 -9.85 18.86 13.21
C LEU A 280 -11.24 19.41 13.60
N ALA A 281 -11.69 20.49 12.97
CA ALA A 281 -12.97 21.17 13.34
C ALA A 281 -14.20 20.33 12.95
N ARG A 282 -14.07 19.37 12.06
CA ARG A 282 -15.20 18.55 11.57
C ARG A 282 -15.19 17.20 12.31
N GLN A 283 -14.25 16.96 13.27
CA GLN A 283 -14.19 15.67 14.04
C GLN A 283 -15.12 15.71 15.28
N LEU A 284 -16.02 14.73 15.38
CA LEU A 284 -16.89 14.48 16.57
C LEU A 284 -16.05 14.11 17.80
N LEU A 285 -15.04 13.25 17.62
CA LEU A 285 -14.14 12.77 18.71
C LEU A 285 -12.74 13.37 18.55
N ARG A 286 -12.29 14.13 19.56
CA ARG A 286 -11.00 14.87 19.56
C ARG A 286 -9.90 13.92 20.03
N HIS A 287 -9.68 12.84 19.28
CA HIS A 287 -8.63 11.86 19.61
C HIS A 287 -8.49 10.96 18.41
N PRO A 288 -7.43 10.13 18.38
CA PRO A 288 -7.24 9.26 17.24
C PRO A 288 -8.40 8.31 16.98
N ALA A 289 -8.45 7.84 15.73
CA ALA A 289 -9.39 6.85 15.21
C ALA A 289 -9.28 5.59 16.03
N HIS A 290 -10.43 4.97 16.27
CA HIS A 290 -10.49 3.52 16.59
C HIS A 290 -10.24 3.32 18.08
N LEU A 291 -10.00 4.41 18.81
CA LEU A 291 -9.77 4.43 20.28
C LEU A 291 -11.05 4.90 20.98
N ARG A 292 -11.25 4.52 22.25
CA ARG A 292 -12.31 5.08 23.16
C ARG A 292 -11.74 5.31 24.57
N GLY A 297 -6.32 5.50 30.38
CA GLY A 297 -5.77 4.86 29.16
C GLY A 297 -6.86 4.69 28.11
N TRP A 298 -6.75 3.68 27.25
CA TRP A 298 -7.54 3.61 26.02
C TRP A 298 -7.90 2.18 25.66
N GLN A 299 -9.02 1.94 24.98
CA GLN A 299 -9.18 0.67 24.25
C GLN A 299 -9.01 1.01 22.76
N GLN A 300 -8.74 0.01 21.96
CA GLN A 300 -8.58 0.12 20.49
C GLN A 300 -9.56 -0.93 19.94
N ARG A 301 -10.36 -0.56 18.93
CA ARG A 301 -11.23 -1.51 18.19
C ARG A 301 -10.30 -2.18 17.17
N ARG A 302 -10.17 -3.51 17.25
CA ARG A 302 -9.36 -4.36 16.32
C ARG A 302 -10.19 -5.60 16.01
N GLY A 303 -10.44 -5.88 14.75
CA GLY A 303 -11.25 -7.03 14.34
C GLY A 303 -12.63 -7.04 14.96
N GLY A 304 -13.18 -5.84 15.23
CA GLY A 304 -14.56 -5.67 15.73
C GLY A 304 -14.69 -5.83 17.24
N ARG A 305 -13.55 -5.97 17.94
CA ARG A 305 -13.44 -6.22 19.41
C ARG A 305 -12.67 -5.05 20.03
N TRP A 306 -13.26 -4.46 21.08
CA TRP A 306 -12.55 -3.50 21.93
C TRP A 306 -11.60 -4.22 22.85
N LEU A 307 -10.35 -3.86 22.74
CA LEU A 307 -9.23 -4.47 23.50
C LEU A 307 -8.47 -3.32 24.13
N PRO A 308 -7.76 -3.55 25.24
CA PRO A 308 -6.87 -2.55 25.79
C PRO A 308 -5.77 -2.16 24.79
N LEU A 309 -5.51 -0.87 24.63
CA LEU A 309 -4.43 -0.38 23.75
C LEU A 309 -3.05 -0.81 24.26
N ASP A 310 -2.17 -1.29 23.38
CA ASP A 310 -0.78 -1.63 23.77
C ASP A 310 0.07 -0.41 23.48
N PRO A 311 0.66 0.28 24.49
CA PRO A 311 1.47 1.47 24.22
C PRO A 311 2.76 1.20 23.42
N GLN A 312 3.17 -0.05 23.33
CA GLN A 312 4.41 -0.37 22.60
C GLN A 312 4.14 -0.49 21.09
N GLY A 313 2.89 -0.61 20.68
CA GLY A 313 2.59 -0.72 19.26
C GLY A 313 2.87 0.58 18.54
N ALA A 314 3.15 0.49 17.27
CA ALA A 314 3.27 1.72 16.43
C ALA A 314 1.94 2.43 16.40
N ALA A 315 1.96 3.75 16.56
CA ALA A 315 0.75 4.50 16.40
C ALA A 315 0.22 4.28 14.97
N VAL A 316 -1.05 4.14 14.82
CA VAL A 316 -1.67 3.67 13.57
C VAL A 316 -3.04 4.23 13.38
N HIS A 317 -3.49 4.32 12.14
CA HIS A 317 -4.75 4.96 11.76
C HIS A 317 -4.68 6.46 12.09
N LEU A 318 -3.54 7.06 11.90
CA LEU A 318 -3.35 8.52 12.00
C LEU A 318 -3.23 9.05 10.58
N ASN A 319 -3.85 10.19 10.31
CA ASN A 319 -3.65 10.87 9.02
C ASN A 319 -2.46 11.79 9.05
N ALA A 320 -2.17 12.43 7.92
CA ALA A 320 -0.96 13.26 7.81
C ALA A 320 -1.09 14.50 8.72
N HIS A 321 -2.33 14.96 8.86
CA HIS A 321 -2.54 16.17 9.71
C HIS A 321 -2.21 15.88 11.18
N GLU A 322 -2.62 14.70 11.63
CA GLU A 322 -2.31 14.27 13.01
C GLU A 322 -0.82 14.05 13.22
N ALA A 323 -0.14 13.44 12.24
CA ALA A 323 1.32 13.26 12.31
C ALA A 323 2.01 14.61 12.38
N GLU A 324 1.62 15.52 11.47
CA GLU A 324 2.28 16.82 11.43
C GLU A 324 2.11 17.63 12.73
N ALA A 325 0.89 17.54 13.27
CA ALA A 325 0.62 18.29 14.54
C ALA A 325 1.48 17.72 15.68
N TRP A 326 1.54 16.42 15.83
CA TRP A 326 2.46 15.81 16.80
C TRP A 326 3.84 16.36 16.62
N CYS A 327 4.32 16.41 15.37
CA CYS A 327 5.70 16.83 15.12
C CYS A 327 5.89 18.27 15.61
N ARG A 328 4.95 19.14 15.32
CA ARG A 328 5.10 20.57 15.74
C ARG A 328 5.15 20.63 17.28
N TRP A 329 4.27 19.90 17.94
CA TRP A 329 4.28 19.81 19.42
C TRP A 329 5.62 19.30 19.93
N ALA A 330 6.24 18.35 19.27
CA ALA A 330 7.49 17.71 19.69
C ALA A 330 8.74 18.50 19.29
N GLY A 331 8.58 19.57 18.47
CA GLY A 331 9.77 20.28 17.92
C GLY A 331 10.52 19.51 16.85
N ARG A 332 9.81 18.63 16.11
CA ARG A 332 10.37 17.74 15.10
C ARG A 332 9.59 17.96 13.81
N ARG A 333 9.85 17.14 12.80
CA ARG A 333 9.14 17.27 11.52
C ARG A 333 9.04 15.86 10.89
N LEU A 334 8.19 15.76 9.88
CA LEU A 334 8.21 14.58 9.00
C LEU A 334 9.44 14.58 8.12
N PRO A 335 9.97 13.44 7.73
CA PRO A 335 11.01 13.39 6.71
C PRO A 335 10.36 13.62 5.35
N THR A 336 11.16 14.14 4.46
CA THR A 336 10.83 14.05 3.02
C THR A 336 10.97 12.59 2.61
N GLU A 337 10.36 12.25 1.45
CA GLU A 337 10.51 10.89 1.00
C GLU A 337 11.96 10.58 0.64
N ALA A 338 12.75 11.56 0.18
CA ALA A 338 14.16 11.32 -0.11
C ALA A 338 14.93 11.00 1.17
N GLU A 339 14.67 11.81 2.19
CA GLU A 339 15.36 11.54 3.51
C GLU A 339 15.01 10.13 4.01
N TRP A 340 13.71 9.77 3.88
CA TRP A 340 13.27 8.44 4.33
C TRP A 340 14.02 7.34 3.54
N GLU A 341 14.02 7.49 2.21
CA GLU A 341 14.64 6.45 1.36
C GLU A 341 16.12 6.32 1.69
N CYS A 342 16.78 7.48 1.81
CA CYS A 342 18.23 7.46 2.16
C CYS A 342 18.48 6.74 3.48
N ALA A 343 17.70 7.07 4.48
CA ALA A 343 17.87 6.45 5.80
C ALA A 343 17.63 4.95 5.70
N ALA A 344 16.58 4.55 5.03
CA ALA A 344 16.23 3.13 4.96
C ALA A 344 17.32 2.34 4.32
N LEU A 345 18.00 2.90 3.32
CA LEU A 345 19.02 2.17 2.55
C LEU A 345 20.42 2.24 3.17
N THR A 346 20.63 3.15 4.08
CA THR A 346 22.03 3.36 4.56
C THR A 346 22.21 3.16 6.04
N LEU A 347 21.18 3.14 6.88
CA LEU A 347 21.29 3.03 8.35
C LEU A 347 20.81 1.66 8.78
N PRO A 348 21.70 0.79 9.28
CA PRO A 348 21.25 -0.55 9.68
C PRO A 348 20.26 -0.53 10.85
N GLY A 349 20.31 0.51 11.67
CA GLY A 349 19.38 0.60 12.80
C GLY A 349 18.03 1.15 12.45
N PHE A 350 17.80 1.52 11.21
CA PHE A 350 16.52 2.09 10.77
C PHE A 350 15.55 0.96 10.49
N ALA A 351 14.55 0.76 11.33
CA ALA A 351 13.62 -0.35 11.23
C ALA A 351 12.27 0.14 10.76
N TRP A 352 11.70 -0.52 9.78
CA TRP A 352 10.43 -0.10 9.16
C TRP A 352 9.58 -1.36 8.89
N GLY A 353 8.40 -1.10 8.40
CA GLY A 353 7.48 -2.17 8.02
C GLY A 353 6.31 -2.46 8.97
N ARG A 354 6.18 -1.66 10.02
CA ARG A 354 5.03 -1.86 10.94
C ARG A 354 3.80 -1.13 10.48
N VAL A 355 4.00 0.14 10.10
CA VAL A 355 2.95 1.00 9.57
C VAL A 355 3.53 1.75 8.36
N TRP A 356 2.66 2.07 7.39
CA TRP A 356 3.06 3.06 6.39
C TRP A 356 3.37 4.38 7.09
N GLU A 357 4.29 5.13 6.55
CA GLU A 357 4.78 6.34 7.26
C GLU A 357 4.55 7.57 6.39
N TRP A 358 3.74 8.49 6.87
CA TRP A 358 3.55 9.74 6.14
C TRP A 358 4.88 10.46 6.00
N THR A 359 5.10 11.04 4.84
CA THR A 359 6.20 11.96 4.59
C THR A 359 5.61 13.36 4.44
N SER A 360 6.54 14.31 4.30
CA SER A 360 6.13 15.69 3.92
C SER A 360 6.02 15.84 2.43
N SER A 361 6.27 14.83 1.64
CA SER A 361 6.37 14.98 0.18
C SER A 361 5.03 14.76 -0.49
N PRO A 362 4.54 15.70 -1.30
CA PRO A 362 3.37 15.44 -2.13
C PRO A 362 3.72 14.36 -3.17
N PHE A 363 2.70 13.58 -3.55
CA PHE A 363 2.86 12.61 -4.64
C PHE A 363 2.87 13.40 -5.95
N GLU A 364 4.03 13.44 -6.54
CA GLU A 364 4.38 14.18 -7.78
C GLU A 364 5.36 13.33 -8.55
N PRO A 365 5.39 13.52 -9.89
CA PRO A 365 6.35 12.76 -10.68
C PRO A 365 7.78 13.11 -10.36
N TYR A 366 8.65 12.15 -10.39
CA TYR A 366 10.10 12.38 -10.48
C TYR A 366 10.39 13.03 -11.82
N PRO A 367 11.59 13.62 -12.00
CA PRO A 367 12.02 14.05 -13.32
C PRO A 367 11.94 12.89 -14.29
N GLY A 368 11.39 13.16 -15.48
CA GLY A 368 11.38 12.17 -16.56
C GLY A 368 10.33 11.09 -16.39
N PHE A 369 9.37 11.23 -15.48
CA PHE A 369 8.26 10.27 -15.34
C PHE A 369 7.54 10.10 -16.67
N ALA A 370 7.18 8.86 -16.95
CA ALA A 370 6.29 8.50 -18.07
C ALA A 370 5.35 7.42 -17.57
N PRO A 371 4.05 7.51 -17.88
CA PRO A 371 3.16 6.48 -17.39
C PRO A 371 3.40 5.13 -18.07
N HIS A 372 3.32 4.06 -17.30
CA HIS A 372 3.45 2.70 -17.81
C HIS A 372 2.11 2.20 -18.29
N PRO A 373 2.04 0.99 -18.89
CA PRO A 373 0.84 0.58 -19.59
C PRO A 373 -0.44 0.66 -18.78
N TYR A 374 -0.42 0.32 -17.49
CA TYR A 374 -1.55 0.62 -16.59
C TYR A 374 -1.48 2.10 -16.26
N ARG A 375 -1.96 2.91 -17.20
CA ARG A 375 -1.72 4.34 -17.23
C ARG A 375 -2.32 5.00 -16.01
N ASP A 376 -3.40 4.49 -15.45
CA ASP A 376 -4.10 5.09 -14.34
C ASP A 376 -3.48 4.73 -13.01
N TYR A 377 -2.39 3.99 -12.94
CA TYR A 377 -1.82 3.61 -11.63
C TYR A 377 -1.40 4.83 -10.82
N SER A 378 -0.61 5.75 -11.43
CA SER A 378 -0.02 6.88 -10.74
C SER A 378 -0.62 8.20 -11.19
N ALA A 379 -0.57 8.42 -12.51
CA ALA A 379 -0.73 9.78 -13.06
C ALA A 379 -1.99 10.52 -12.62
N PRO A 380 -3.17 9.90 -12.48
CA PRO A 380 -4.35 10.69 -12.07
C PRO A 380 -4.29 11.20 -10.64
N TRP A 381 -3.39 10.70 -9.83
CA TRP A 381 -3.37 10.91 -8.40
C TRP A 381 -2.32 11.90 -7.99
N PHE A 382 -1.52 12.40 -8.93
CA PHE A 382 -0.53 13.41 -8.60
C PHE A 382 -1.20 14.69 -8.10
N GLY A 383 -0.62 15.39 -7.20
N GLY A 383 -0.64 15.22 -6.97
CA GLY A 383 -1.22 16.70 -6.91
CA GLY A 383 -0.89 16.50 -6.21
C GLY A 383 -2.36 16.66 -5.90
C GLY A 383 -1.90 16.33 -5.09
N THR A 384 -2.91 15.54 -5.41
CA THR A 384 -3.96 15.38 -4.39
C THR A 384 -3.61 14.32 -3.35
N ARG A 385 -2.51 13.61 -3.51
CA ARG A 385 -2.07 12.59 -2.59
C ARG A 385 -0.78 13.03 -1.92
N ARG A 386 -0.56 12.53 -0.73
CA ARG A 386 0.71 12.62 -0.03
C ARG A 386 1.40 11.27 -0.13
N VAL A 387 2.73 11.30 -0.25
CA VAL A 387 3.52 10.08 -0.23
C VAL A 387 3.64 9.50 1.18
N LEU A 388 3.42 8.20 1.26
CA LEU A 388 3.81 7.40 2.43
C LEU A 388 4.89 6.43 2.00
N ARG A 389 5.83 6.14 2.87
CA ARG A 389 6.89 5.18 2.63
C ARG A 389 6.86 4.04 3.60
N GLY A 390 7.56 2.98 3.25
CA GLY A 390 7.73 1.87 4.15
C GLY A 390 6.81 0.75 3.78
N ALA A 391 6.10 0.22 4.75
CA ALA A 391 5.12 -0.87 4.61
C ALA A 391 4.43 -1.07 5.94
N CYS A 392 3.32 -1.78 5.96
CA CYS A 392 2.67 -2.12 7.20
C CYS A 392 2.70 -3.60 7.41
N HIS A 393 2.14 -4.06 8.54
CA HIS A 393 2.10 -5.51 8.84
CA HIS A 393 2.09 -5.50 8.83
C HIS A 393 1.31 -6.28 7.77
N ALA A 394 0.32 -5.67 7.19
CA ALA A 394 -0.53 -6.29 6.18
C ALA A 394 0.01 -6.12 4.77
N THR A 395 1.16 -5.58 4.56
CA THR A 395 1.79 -5.48 3.23
C THR A 395 2.50 -6.79 2.95
N SER A 396 2.30 -7.33 1.73
CA SER A 396 3.06 -8.52 1.27
CA SER A 396 3.03 -8.56 1.38
C SER A 396 4.55 -8.32 1.39
N ALA A 397 5.28 -9.34 1.78
CA ALA A 397 6.72 -9.34 1.74
C ALA A 397 7.22 -9.12 0.32
N ALA A 398 6.50 -9.53 -0.68
CA ALA A 398 6.86 -9.33 -2.08
C ALA A 398 6.75 -7.92 -2.52
N LEU A 399 5.89 -7.13 -1.88
CA LEU A 399 5.70 -5.75 -2.27
C LEU A 399 6.57 -4.78 -1.47
N ALA A 400 6.71 -4.98 -0.17
CA ALA A 400 7.36 -4.04 0.74
C ALA A 400 8.76 -3.73 0.22
N HIS A 401 9.07 -2.44 0.03
CA HIS A 401 10.32 -2.08 -0.69
C HIS A 401 10.61 -0.60 -0.39
N ALA A 402 11.92 -0.34 -0.19
CA ALA A 402 12.32 1.00 0.23
C ALA A 402 12.24 2.07 -0.91
N ARG A 403 12.07 1.63 -2.15
CA ARG A 403 11.86 2.58 -3.24
C ARG A 403 10.40 2.82 -3.55
N TYR A 404 9.51 2.01 -2.96
CA TYR A 404 8.08 2.09 -3.28
C TYR A 404 7.45 3.31 -2.74
N ARG A 405 6.62 3.98 -3.54
CA ARG A 405 5.92 5.19 -3.14
C ARG A 405 4.46 4.86 -2.98
N ASN A 406 3.93 4.88 -1.75
CA ASN A 406 2.51 4.80 -1.56
C ASN A 406 1.92 6.18 -1.62
N PHE A 407 0.61 6.30 -1.82
CA PHE A 407 0.00 7.60 -2.06
C PHE A 407 -1.49 7.53 -1.72
N PHE A 408 -1.87 8.37 -0.77
CA PHE A 408 -3.27 8.51 -0.30
C PHE A 408 -3.49 9.98 -0.02
N GLU A 409 -4.75 10.36 -0.06
CA GLU A 409 -5.12 11.71 0.36
C GLU A 409 -4.72 11.91 1.82
N PRO A 410 -4.29 13.11 2.22
CA PRO A 410 -3.65 13.29 3.52
C PRO A 410 -4.63 13.11 4.68
N HIS A 411 -5.93 13.17 4.45
CA HIS A 411 -6.92 12.96 5.52
C HIS A 411 -7.13 11.50 5.90
N ARG A 412 -6.69 10.54 5.11
CA ARG A 412 -7.08 9.15 5.24
C ARG A 412 -6.55 8.58 6.52
N ARG A 413 -7.42 7.86 7.23
CA ARG A 413 -7.12 7.22 8.55
C ARG A 413 -7.44 5.73 8.55
N ASP A 414 -8.15 5.26 7.56
CA ASP A 414 -8.55 3.84 7.46
C ASP A 414 -7.33 2.95 7.20
N ILE A 415 -6.43 3.43 6.38
CA ILE A 415 -5.14 2.80 6.03
C ILE A 415 -4.33 2.58 7.28
N PHE A 416 -3.39 1.63 7.24
CA PHE A 416 -2.50 1.33 8.36
C PHE A 416 -1.34 2.31 8.30
N ALA A 417 -1.65 3.58 8.64
CA ALA A 417 -0.64 4.65 8.54
C ALA A 417 -0.31 5.23 9.89
N GLY A 418 0.96 5.48 10.05
CA GLY A 418 1.54 6.20 11.16
C GLY A 418 2.67 7.05 10.64
N PHE A 419 3.74 7.20 11.39
CA PHE A 419 4.80 8.09 10.94
C PHE A 419 6.03 7.95 11.84
N ARG A 420 7.17 8.38 11.32
CA ARG A 420 8.36 8.68 12.13
C ARG A 420 8.73 10.14 11.95
N SER A 421 9.54 10.64 12.88
CA SER A 421 9.92 12.07 12.93
C SER A 421 11.41 12.18 12.82
N CYS A 422 11.82 13.45 12.52
CA CYS A 422 13.23 13.81 12.43
C CYS A 422 13.42 15.27 12.84
N ARG A 423 14.68 15.66 12.89
CA ARG A 423 15.03 17.07 13.21
C ARG A 423 16.40 17.36 12.65
N ALA A 424 16.75 18.62 12.55
CA ALA A 424 18.15 19.02 12.36
C ALA A 424 19.23 18.35 13.25
N PRO A 425 20.48 18.22 12.75
CA PRO A 425 21.60 17.80 13.59
C PRO A 425 22.05 18.81 14.68
FE FE B . -6.86 -2.56 -8.71
CAA AVJ C . -2.35 1.54 -2.67
CAB AVJ C . -2.61 3.80 -3.49
CAC AVJ C . -0.99 2.34 -4.51
OAH AVJ C . -5.57 2.70 -5.43
OAL AVJ C . -5.25 1.94 -3.44
CAM AVJ C . -4.86 -1.15 -6.64
CAP AVJ C . -3.29 0.41 -5.30
NAR AVJ C . -4.18 0.67 -7.65
NAT AVJ C . -5.37 -1.18 -7.94
CAX AVJ C . -4.87 2.23 -4.57
CAY AVJ C . -4.11 -0.04 -6.47
CAZ AVJ C . -4.95 -0.07 -8.51
CBC AVJ C . -3.42 1.91 -4.94
NBE AVJ C . -2.36 2.35 -3.90
C1 GOL D . 27.24 6.42 -2.22
O1 GOL D . 28.27 6.01 -3.11
C2 GOL D . 27.19 5.45 -1.07
O2 GOL D . 26.49 6.06 0.03
C3 GOL D . 26.60 4.12 -1.47
O3 GOL D . 26.95 3.12 -0.51
#